data_1MCW
#
_entry.id   1MCW
#
_cell.length_a   72.300
_cell.length_b   72.300
_cell.length_c   185.900
_cell.angle_alpha   90.00
_cell.angle_beta   90.00
_cell.angle_gamma   120.00
#
_symmetry.space_group_name_H-M   'P 31 2 1'
#
loop_
_entity.id
_entity.type
_entity.pdbx_description
1 polymer 'IMMUNOGLOBULIN WEIR (LIGHT CHAIN)'
2 polymer 'IMMUNOGLOBULIN MCG (LIGHT CHAIN)'
#
loop_
_entity_poly.entity_id
_entity_poly.type
_entity_poly.pdbx_seq_one_letter_code
_entity_poly.pdbx_strand_id
1 'polypeptide(L)'
;(PCA)SALTQPASVSGSPGQSITVSCAGHTSDVADSNSISWFQQHPDKAPKLLIYAVTFRPSGIPLRFSGSKSGNTASLT
ISGLLPDDEADYFCMSYLSDASFVFGSGTKVTVLRQPKANPTVTLFPPSSEELQANKATLVCLISDFYPGAVTVAWKADG
SPVEAGVETTKPSKQSNNKYAASSYLSLTPEQWKSHRSYSCQVTHEGSTVEKTVAPTECS
;
W
2 'polypeptide(L)'
;(PCA)SALTQPPSASGSLGQSVTISCTGTSSDVGGYNYVSWYQQHAGKAPKVIIYEVNKRPSGVPDRFSGSKSGNTASLT
VSGLQAEDEADYYCSSYEGSDNFVFGTGTKVTVLGQPKANPTVTLFPPSSEELQANKATLVCLISDFYPGAVTVAWKADG
SPVKAGVETTKPSKQSNNKYAASSYLSLTPEQWKSHRSYSCQVTHEGSTVEKTVAPTECS
;
M
#
# COMPACT_ATOMS: atom_id res chain seq x y z
N PCA A 1 17.16 6.49 -9.51
CA PCA A 1 15.92 6.63 -10.26
CB PCA A 1 16.09 5.91 -11.61
CG PCA A 1 17.02 4.74 -11.21
CD PCA A 1 17.69 5.12 -9.91
OE PCA A 1 18.89 5.38 -9.85
C PCA A 1 14.81 6.00 -9.42
O PCA A 1 13.61 6.24 -9.64
N SER A 2 15.28 5.24 -8.45
CA SER A 2 14.37 4.47 -7.56
C SER A 2 14.89 3.04 -7.75
N ALA A 3 14.57 2.20 -6.84
CA ALA A 3 14.97 0.81 -6.87
C ALA A 3 15.60 0.48 -5.50
N LEU A 4 14.68 0.26 -4.55
CA LEU A 4 15.06 -0.19 -3.23
C LEU A 4 14.04 -1.11 -2.54
N THR A 5 14.44 -2.38 -2.54
CA THR A 5 13.71 -3.46 -1.89
C THR A 5 14.14 -3.58 -0.43
N GLN A 6 13.17 -3.30 0.42
CA GLN A 6 13.43 -3.44 1.90
C GLN A 6 12.32 -4.34 2.46
N PRO A 7 12.70 -5.17 3.44
CA PRO A 7 11.80 -6.30 3.80
C PRO A 7 10.42 -5.84 4.18
N ALA A 8 9.46 -6.59 3.65
CA ALA A 8 8.02 -6.42 3.89
C ALA A 8 7.57 -7.05 5.22
N SER A 9 7.77 -6.32 6.29
CA SER A 9 7.32 -6.64 7.63
C SER A 9 8.29 -6.58 8.76
N VAL A 10 9.18 -7.47 9.01
CA VAL A 10 10.15 -7.43 10.11
C VAL A 10 9.38 -7.52 11.47
N SER A 11 9.59 -8.73 12.00
CA SER A 11 8.97 -9.31 13.15
C SER A 11 9.40 -8.76 14.48
N GLY A 12 8.40 -8.24 15.19
CA GLY A 12 8.65 -7.76 16.56
C GLY A 12 8.43 -8.93 17.53
N SER A 13 9.22 -8.94 18.62
CA SER A 13 8.84 -9.83 19.74
C SER A 13 8.62 -9.01 21.01
N PRO A 14 9.60 -9.06 21.86
CA PRO A 14 9.49 -8.38 23.18
C PRO A 14 10.82 -7.68 23.37
N GLY A 15 11.64 -8.34 24.15
CA GLY A 15 13.12 -8.00 24.04
C GLY A 15 13.48 -8.90 22.82
N GLN A 16 14.13 -8.29 21.88
CA GLN A 16 14.69 -9.10 20.72
C GLN A 16 15.41 -8.00 19.96
N SER A 17 16.04 -8.29 18.86
CA SER A 17 16.62 -7.27 17.96
C SER A 17 16.03 -7.45 16.56
N ILE A 18 15.97 -6.41 15.72
CA ILE A 18 15.59 -6.69 14.32
C ILE A 18 16.43 -5.98 13.29
N THR A 19 16.48 -6.64 12.11
CA THR A 19 17.25 -6.26 10.96
C THR A 19 16.49 -6.38 9.65
N VAL A 20 16.87 -5.51 8.75
CA VAL A 20 16.33 -5.32 7.43
C VAL A 20 17.43 -5.40 6.38
N SER A 21 17.10 -5.07 5.17
CA SER A 21 17.70 -4.89 3.94
C SER A 21 16.87 -3.84 3.11
N CYS A 22 17.49 -3.45 2.06
CA CYS A 22 17.13 -2.49 1.06
C CYS A 22 18.14 -2.73 -0.13
N ALA A 23 17.56 -2.65 -1.32
CA ALA A 23 18.42 -3.01 -2.45
C ALA A 23 18.00 -2.69 -3.85
N GLY A 24 18.99 -2.11 -4.54
CA GLY A 24 18.94 -1.73 -5.95
C GLY A 24 20.28 -2.16 -6.60
N HIS A 25 20.63 -1.42 -7.64
CA HIS A 25 21.78 -1.54 -8.46
C HIS A 25 23.15 -1.03 -8.00
N THR A 26 24.08 -1.72 -8.61
CA THR A 26 25.52 -1.38 -8.63
C THR A 26 25.64 0.11 -8.54
N SER A 27 26.10 0.69 -9.64
CA SER A 27 25.93 2.17 -9.80
C SER A 27 25.83 2.73 -8.40
N ASP A 28 24.74 3.41 -8.13
CA ASP A 28 24.35 3.80 -6.78
C ASP A 28 24.59 2.74 -5.70
N VAL A 29 23.56 1.98 -5.36
CA VAL A 29 23.69 1.13 -4.14
C VAL A 29 25.05 0.50 -4.02
N ALA A 30 25.66 -0.14 -4.95
CA ALA A 30 26.92 -0.85 -4.83
C ALA A 30 28.26 -0.17 -5.09
N ASP A 31 28.29 0.73 -6.04
CA ASP A 31 29.45 1.59 -6.24
C ASP A 31 29.19 2.87 -5.43
N SER A 32 29.46 2.74 -4.15
CA SER A 32 29.22 3.88 -3.27
C SER A 32 28.30 3.46 -2.11
N ASN A 33 28.26 4.38 -1.20
CA ASN A 33 27.42 4.21 0.03
C ASN A 33 26.46 5.38 -0.15
N SER A 34 25.19 5.09 -0.12
CA SER A 34 24.06 6.01 -0.20
C SER A 34 22.80 5.17 0.08
N ILE A 35 21.95 5.62 0.94
CA ILE A 35 20.86 4.92 1.59
C ILE A 35 20.90 5.49 3.04
N SER A 36 19.77 5.71 3.60
CA SER A 36 19.63 6.52 4.83
C SER A 36 18.18 6.29 5.25
N TRP A 37 18.10 5.71 6.45
CA TRP A 37 16.84 5.20 7.00
C TRP A 37 16.06 6.26 7.79
N PHE A 38 14.77 5.97 7.71
CA PHE A 38 13.72 6.75 8.29
C PHE A 38 12.83 5.83 9.18
N GLN A 39 12.56 6.51 10.26
CA GLN A 39 11.47 6.07 11.19
C GLN A 39 10.26 6.78 10.48
N GLN A 40 9.29 5.98 10.11
CA GLN A 40 7.94 6.57 9.84
C GLN A 40 7.10 5.72 10.85
N HIS A 41 6.13 6.31 11.48
CA HIS A 41 5.24 5.45 12.30
C HIS A 41 3.84 6.07 12.18
N PRO A 42 2.89 5.13 12.22
CA PRO A 42 1.46 5.45 12.16
C PRO A 42 1.04 6.84 11.78
N ASP A 43 1.48 7.36 10.67
CA ASP A 43 1.33 8.73 10.28
C ASP A 43 2.05 9.69 11.25
N LYS A 44 3.34 9.86 11.02
CA LYS A 44 4.00 11.07 11.53
C LYS A 44 5.05 11.37 10.42
N ALA A 45 5.58 12.57 10.54
CA ALA A 45 6.64 12.96 9.56
C ALA A 45 7.85 12.18 10.09
N PRO A 46 8.30 11.31 9.22
CA PRO A 46 9.46 10.45 9.51
C PRO A 46 10.50 11.16 10.32
N LYS A 47 11.40 10.37 10.85
CA LYS A 47 12.56 10.72 11.64
C LYS A 47 13.82 10.55 10.77
N LEU A 48 14.88 10.20 11.46
CA LEU A 48 16.16 9.88 10.84
C LEU A 48 16.84 8.82 11.71
N LEU A 49 16.90 7.61 11.24
CA LEU A 49 17.54 6.54 12.03
C LEU A 49 19.02 6.44 11.69
N ILE A 50 19.30 6.27 10.41
CA ILE A 50 20.75 6.38 9.97
C ILE A 50 20.82 7.71 9.23
N TYR A 51 21.99 8.34 9.29
CA TYR A 51 22.20 9.61 8.59
C TYR A 51 23.56 9.51 7.91
N ALA A 52 23.58 8.63 6.95
CA ALA A 52 24.73 8.47 6.02
C ALA A 52 25.15 7.01 6.13
N VAL A 53 24.52 6.37 7.10
CA VAL A 53 24.66 4.99 7.48
C VAL A 53 25.20 4.97 8.95
N THR A 54 26.47 4.67 8.97
CA THR A 54 27.19 4.42 10.20
C THR A 54 27.18 5.53 11.18
N PHE A 55 26.26 6.47 11.09
CA PHE A 55 26.10 7.43 12.24
C PHE A 55 24.62 7.70 12.42
N ARG A 56 24.23 7.81 13.68
CA ARG A 56 22.85 7.99 14.12
C ARG A 56 22.59 9.47 14.25
N PRO A 57 21.42 9.88 13.77
CA PRO A 57 20.94 11.26 13.90
C PRO A 57 20.71 11.58 15.37
N SER A 58 21.72 12.19 15.93
CA SER A 58 21.90 12.43 17.34
C SER A 58 20.55 12.58 18.03
N GLY A 59 20.50 12.08 19.26
CA GLY A 59 19.19 11.92 19.94
C GLY A 59 18.53 10.67 19.36
N ILE A 60 19.33 9.74 18.88
CA ILE A 60 18.90 8.44 18.45
C ILE A 60 19.69 7.35 19.26
N PRO A 61 18.87 6.66 20.03
CA PRO A 61 19.35 5.45 20.72
C PRO A 61 20.30 4.66 19.85
N LEU A 62 21.47 4.19 20.27
CA LEU A 62 22.24 3.26 19.44
C LEU A 62 21.89 1.79 19.48
N ARG A 63 20.73 1.40 18.96
CA ARG A 63 20.38 -0.02 18.81
C ARG A 63 20.34 -0.26 17.28
N PHE A 64 19.65 0.67 16.67
CA PHE A 64 19.41 0.82 15.25
C PHE A 64 20.74 0.87 14.54
N SER A 65 20.98 0.09 13.54
CA SER A 65 22.26 0.12 12.80
C SER A 65 22.06 -0.31 11.34
N GLY A 66 22.95 0.19 10.53
CA GLY A 66 22.83 0.08 9.06
C GLY A 66 23.94 -0.76 8.43
N SER A 67 23.50 -1.50 7.38
CA SER A 67 24.49 -2.48 6.89
C SER A 67 24.38 -3.05 5.55
N LYS A 68 25.18 -2.49 4.65
CA LYS A 68 25.27 -2.95 3.25
C LYS A 68 26.42 -3.97 3.20
N SER A 69 26.21 -4.94 2.33
CA SER A 69 27.27 -5.96 2.12
C SER A 69 28.10 -5.32 0.97
N GLY A 70 27.35 -4.45 0.32
CA GLY A 70 27.99 -3.49 -0.65
C GLY A 70 26.95 -3.34 -1.77
N ASN A 71 26.14 -4.40 -1.75
CA ASN A 71 25.13 -4.48 -2.85
C ASN A 71 23.80 -3.99 -2.30
N THR A 72 23.73 -4.13 -0.97
CA THR A 72 22.47 -3.85 -0.26
C THR A 72 22.69 -3.42 1.16
N ALA A 73 21.59 -3.06 1.80
CA ALA A 73 21.64 -2.64 3.19
C ALA A 73 20.55 -3.26 4.09
N SER A 74 20.96 -3.27 5.35
CA SER A 74 20.28 -3.82 6.49
C SER A 74 20.05 -2.79 7.57
N LEU A 75 19.34 -3.31 8.56
CA LEU A 75 19.22 -2.52 9.81
C LEU A 75 18.76 -3.36 11.02
N THR A 76 19.36 -2.97 12.15
CA THR A 76 19.03 -3.67 13.41
C THR A 76 18.73 -2.73 14.54
N ILE A 77 17.75 -3.16 15.35
CA ILE A 77 17.34 -2.50 16.58
C ILE A 77 17.46 -3.60 17.66
N SER A 78 18.37 -3.32 18.57
CA SER A 78 18.73 -4.28 19.63
C SER A 78 18.05 -3.98 20.97
N GLY A 79 16.88 -4.59 21.03
CA GLY A 79 16.00 -4.59 22.20
C GLY A 79 14.64 -4.12 21.68
N LEU A 80 13.83 -5.08 21.30
CA LEU A 80 12.55 -4.64 20.64
C LEU A 80 11.78 -3.75 21.59
N LEU A 81 10.55 -3.39 21.25
CA LEU A 81 9.83 -2.39 22.08
C LEU A 81 8.61 -1.80 21.42
N PRO A 82 7.85 -1.06 22.22
CA PRO A 82 6.57 -0.48 21.83
C PRO A 82 6.79 0.65 20.82
N ASP A 83 7.47 1.65 21.30
CA ASP A 83 7.80 2.81 20.45
C ASP A 83 8.61 2.35 19.25
N ASP A 84 8.30 1.21 18.68
CA ASP A 84 9.07 0.68 17.55
C ASP A 84 8.31 0.25 16.32
N GLU A 85 7.02 0.14 16.38
CA GLU A 85 6.15 -0.09 15.19
C GLU A 85 6.23 1.22 14.42
N ALA A 86 6.44 1.21 13.13
CA ALA A 86 6.64 2.48 12.40
C ALA A 86 6.34 2.48 10.93
N ASP A 87 7.29 1.99 10.19
CA ASP A 87 7.32 1.86 8.73
C ASP A 87 8.69 2.51 8.47
N TYR A 88 9.70 1.71 8.27
CA TYR A 88 11.08 2.29 8.21
C TYR A 88 11.39 2.43 6.73
N PHE A 89 11.87 3.62 6.38
CA PHE A 89 12.07 3.99 4.97
C PHE A 89 13.51 4.16 4.51
N CYS A 90 13.71 3.80 3.20
CA CYS A 90 15.20 3.94 2.88
C CYS A 90 15.68 4.60 1.67
N MET A 91 16.54 5.64 1.82
CA MET A 91 17.11 6.24 0.59
C MET A 91 18.63 6.25 0.38
N SER A 92 18.93 5.73 -0.82
CA SER A 92 20.24 6.15 -1.49
C SER A 92 19.82 7.55 -1.96
N TYR A 93 20.75 8.30 -2.51
CA TYR A 93 20.38 9.63 -3.10
C TYR A 93 20.36 9.50 -4.62
N LEU A 94 20.34 10.62 -5.30
CA LEU A 94 20.55 10.58 -6.77
C LEU A 94 20.78 11.92 -7.45
N SER A 95 20.96 11.84 -8.77
CA SER A 95 21.28 12.81 -9.75
C SER A 95 20.54 14.14 -9.50
N ASP A 96 20.88 14.60 -8.31
CA ASP A 96 20.63 16.10 -8.09
C ASP A 96 19.13 16.30 -7.97
N ALA A 97 18.46 15.18 -8.20
CA ALA A 97 17.06 15.08 -8.50
C ALA A 97 16.73 13.61 -8.78
N SER A 98 17.59 12.71 -8.31
CA SER A 98 16.98 11.34 -8.11
C SER A 98 17.17 11.27 -6.61
N PHE A 99 17.08 10.23 -5.89
CA PHE A 99 17.20 10.15 -4.45
C PHE A 99 16.16 9.06 -4.02
N VAL A 100 16.57 7.85 -3.82
CA VAL A 100 15.46 6.88 -3.72
C VAL A 100 15.41 6.08 -2.45
N PHE A 101 14.12 5.93 -2.11
CA PHE A 101 13.61 5.27 -0.91
C PHE A 101 13.06 3.90 -1.46
N GLY A 102 13.22 3.01 -0.52
CA GLY A 102 12.81 1.64 -0.62
C GLY A 102 11.63 1.47 0.37
N SER A 103 10.46 1.37 -0.20
CA SER A 103 9.35 0.71 0.43
C SER A 103 8.75 0.92 1.78
N GLY A 104 9.29 0.25 2.79
CA GLY A 104 8.95 0.29 4.18
C GLY A 104 9.19 -1.07 4.83
N THR A 105 9.01 -1.07 6.17
CA THR A 105 9.09 -2.35 6.94
C THR A 105 8.10 -2.37 8.07
N LYS A 106 8.24 -1.74 9.18
CA LYS A 106 7.37 -1.88 10.36
C LYS A 106 7.94 -2.71 11.51
N VAL A 107 7.34 -2.57 12.72
CA VAL A 107 7.76 -3.54 13.79
C VAL A 107 6.78 -3.80 14.88
N THR A 108 7.08 -4.65 15.89
CA THR A 108 6.19 -5.18 16.87
C THR A 108 6.71 -5.66 18.23
N VAL A 109 5.82 -5.73 19.21
CA VAL A 109 6.24 -6.19 20.58
C VAL A 109 5.19 -6.12 21.66
N LEU A 110 4.09 -6.89 21.60
CA LEU A 110 3.10 -6.92 22.65
C LEU A 110 2.42 -8.24 23.01
N ARG A 111 1.09 -8.17 22.84
CA ARG A 111 0.30 -9.42 22.78
C ARG A 111 0.13 -9.51 21.23
N GLN A 112 0.71 -10.61 20.77
CA GLN A 112 0.77 -10.75 19.29
C GLN A 112 0.91 -12.18 18.88
N PRO A 113 -0.05 -12.57 18.10
CA PRO A 113 -0.03 -13.90 17.50
C PRO A 113 1.34 -14.16 16.93
N LYS A 114 1.39 -14.73 15.75
CA LYS A 114 2.55 -14.99 14.93
C LYS A 114 2.20 -15.99 13.87
N ALA A 115 1.46 -15.64 12.84
CA ALA A 115 1.06 -16.67 11.88
C ALA A 115 1.00 -16.30 10.41
N ASN A 116 0.82 -17.37 9.65
CA ASN A 116 0.91 -17.50 8.23
C ASN A 116 -0.38 -17.36 7.47
N PRO A 117 -0.36 -16.45 6.51
CA PRO A 117 -1.56 -16.15 5.71
C PRO A 117 -1.99 -17.18 4.71
N THR A 118 -2.97 -16.75 3.87
CA THR A 118 -3.64 -17.72 2.99
C THR A 118 -4.13 -17.19 1.66
N VAL A 119 -3.25 -17.31 0.65
CA VAL A 119 -3.43 -16.79 -0.70
C VAL A 119 -4.36 -17.74 -1.44
N THR A 120 -5.11 -17.16 -2.36
CA THR A 120 -6.09 -18.01 -3.08
C THR A 120 -6.52 -17.40 -4.39
N LEU A 121 -6.38 -18.23 -5.43
CA LEU A 121 -6.61 -17.83 -6.79
C LEU A 121 -7.86 -18.31 -7.51
N PHE A 122 -8.74 -17.31 -7.63
CA PHE A 122 -9.95 -17.54 -8.52
C PHE A 122 -9.57 -16.67 -9.76
N PRO A 123 -9.65 -17.35 -10.86
CA PRO A 123 -9.34 -16.68 -12.18
C PRO A 123 -10.67 -15.96 -12.35
N PRO A 124 -11.29 -16.23 -13.46
CA PRO A 124 -12.61 -15.64 -13.77
C PRO A 124 -13.67 -16.70 -13.89
N SER A 125 -14.91 -16.24 -14.07
CA SER A 125 -15.99 -17.11 -14.47
C SER A 125 -16.40 -16.68 -15.90
N SER A 126 -17.12 -17.56 -16.51
CA SER A 126 -17.75 -17.41 -17.79
C SER A 126 -18.46 -16.06 -17.90
N GLU A 127 -19.47 -15.93 -17.06
CA GLU A 127 -20.32 -14.71 -17.09
C GLU A 127 -19.37 -13.61 -17.52
N GLU A 128 -18.35 -13.41 -16.73
CA GLU A 128 -17.35 -12.38 -16.93
C GLU A 128 -16.54 -12.56 -18.20
N LEU A 129 -15.85 -13.66 -18.33
CA LEU A 129 -15.11 -13.96 -19.56
C LEU A 129 -15.93 -13.60 -20.78
N GLN A 130 -17.22 -13.82 -20.71
CA GLN A 130 -18.33 -13.68 -21.57
C GLN A 130 -18.97 -12.28 -21.77
N ALA A 131 -18.53 -11.75 -22.85
CA ALA A 131 -18.75 -10.44 -23.41
C ALA A 131 -17.42 -9.72 -23.57
N ASN A 132 -16.73 -9.39 -22.52
CA ASN A 132 -15.45 -8.63 -22.66
C ASN A 132 -15.14 -8.27 -21.23
N LYS A 133 -14.37 -9.06 -20.53
CA LYS A 133 -14.01 -8.77 -19.15
C LYS A 133 -13.63 -10.04 -18.36
N ALA A 134 -12.55 -9.82 -17.65
CA ALA A 134 -11.86 -10.67 -16.73
C ALA A 134 -11.65 -9.83 -15.44
N THR A 135 -10.42 -9.94 -15.05
CA THR A 135 -9.94 -9.57 -13.72
C THR A 135 -9.25 -10.90 -13.30
N LEU A 136 -9.12 -11.06 -12.04
CA LEU A 136 -8.65 -12.35 -11.45
C LEU A 136 -8.30 -11.88 -10.04
N VAL A 137 -8.86 -12.69 -9.10
CA VAL A 137 -8.70 -12.34 -7.67
C VAL A 137 -7.96 -13.39 -6.81
N CYS A 138 -6.95 -12.74 -6.19
CA CYS A 138 -6.03 -13.52 -5.30
C CYS A 138 -6.14 -12.88 -3.92
N LEU A 139 -6.78 -13.66 -3.03
CA LEU A 139 -7.05 -13.03 -1.68
C LEU A 139 -5.96 -13.51 -0.76
N ILE A 140 -5.71 -12.81 0.30
CA ILE A 140 -4.73 -13.28 1.30
C ILE A 140 -5.24 -13.43 2.70
N SER A 141 -5.87 -14.53 3.08
CA SER A 141 -6.60 -14.54 4.38
C SER A 141 -5.68 -14.68 5.60
N ASP A 142 -6.38 -14.40 6.69
CA ASP A 142 -5.84 -14.28 8.04
C ASP A 142 -4.35 -14.68 8.01
N PHE A 143 -3.60 -13.68 8.34
CA PHE A 143 -2.18 -13.56 8.53
C PHE A 143 -2.15 -13.38 10.09
N TYR A 144 -1.09 -12.77 10.52
CA TYR A 144 -1.07 -12.31 11.89
C TYR A 144 -0.51 -10.88 11.82
N PRO A 145 0.58 -10.87 11.06
CA PRO A 145 1.20 -9.57 10.77
C PRO A 145 0.40 -8.98 9.60
N GLY A 146 0.78 -9.43 8.44
CA GLY A 146 0.11 -8.85 7.25
C GLY A 146 0.84 -7.49 7.05
N ALA A 147 1.69 -7.60 6.10
CA ALA A 147 2.55 -6.83 5.30
C ALA A 147 3.02 -8.00 4.38
N VAL A 148 2.07 -8.46 3.64
CA VAL A 148 2.27 -9.60 2.76
C VAL A 148 2.57 -9.04 1.39
N THR A 149 3.47 -9.50 0.58
CA THR A 149 3.48 -8.74 -0.75
C THR A 149 2.93 -9.69 -1.77
N VAL A 150 2.24 -9.07 -2.70
CA VAL A 150 1.47 -9.75 -3.74
C VAL A 150 2.04 -9.58 -5.15
N ALA A 151 2.05 -10.68 -5.85
CA ALA A 151 2.66 -10.74 -7.20
C ALA A 151 1.67 -11.38 -8.13
N TRP A 152 1.76 -10.93 -9.39
CA TRP A 152 0.99 -11.62 -10.44
C TRP A 152 1.96 -11.76 -11.64
N LYS A 153 2.10 -13.00 -12.04
CA LYS A 153 3.01 -13.40 -13.10
C LYS A 153 2.39 -14.57 -13.85
N ALA A 154 2.41 -14.41 -15.18
CA ALA A 154 1.81 -15.44 -16.02
C ALA A 154 2.76 -15.83 -17.14
N ASP A 155 2.81 -17.12 -17.34
CA ASP A 155 3.67 -17.75 -18.37
C ASP A 155 5.15 -17.62 -18.14
N GLY A 156 5.47 -17.09 -17.00
CA GLY A 156 6.79 -16.88 -16.44
C GLY A 156 6.71 -15.52 -15.73
N SER A 157 6.48 -14.57 -16.61
CA SER A 157 6.57 -13.14 -16.37
C SER A 157 5.86 -12.56 -15.16
N PRO A 158 6.72 -11.83 -14.40
CA PRO A 158 6.16 -10.96 -13.36
C PRO A 158 5.17 -10.02 -14.04
N VAL A 159 4.47 -9.23 -13.27
CA VAL A 159 3.54 -8.22 -13.74
C VAL A 159 3.04 -7.33 -12.60
N GLU A 160 2.69 -6.15 -13.13
CA GLU A 160 2.00 -5.11 -12.40
C GLU A 160 1.58 -4.02 -13.43
N ALA A 161 1.53 -4.55 -14.63
CA ALA A 161 0.90 -3.86 -15.76
C ALA A 161 -0.61 -3.82 -15.48
N GLY A 162 -1.07 -4.94 -14.93
CA GLY A 162 -2.44 -5.21 -14.69
C GLY A 162 -3.02 -5.39 -13.34
N VAL A 163 -2.36 -4.99 -12.29
CA VAL A 163 -2.89 -5.31 -10.94
C VAL A 163 -3.00 -4.21 -9.94
N GLU A 164 -4.15 -4.28 -9.18
CA GLU A 164 -4.22 -3.43 -7.96
C GLU A 164 -4.26 -4.32 -6.72
N THR A 165 -3.98 -3.74 -5.57
CA THR A 165 -4.07 -4.57 -4.31
C THR A 165 -5.17 -3.94 -3.44
N THR A 166 -5.69 -4.70 -2.50
CA THR A 166 -6.69 -4.28 -1.53
C THR A 166 -6.10 -4.63 -0.15
N LYS A 167 -5.64 -3.58 0.49
CA LYS A 167 -4.94 -3.68 1.76
C LYS A 167 -5.64 -4.55 2.82
N PRO A 168 -4.77 -5.37 3.44
CA PRO A 168 -5.20 -6.30 4.49
C PRO A 168 -5.92 -5.46 5.51
N SER A 169 -7.23 -5.47 5.38
CA SER A 169 -8.04 -4.80 6.46
C SER A 169 -8.50 -6.05 7.29
N LYS A 170 -8.43 -5.80 8.57
CA LYS A 170 -8.67 -6.69 9.66
C LYS A 170 -9.94 -7.51 9.60
N GLN A 171 -9.74 -8.75 10.11
CA GLN A 171 -10.93 -9.56 10.44
C GLN A 171 -11.03 -9.70 11.99
N SER A 172 -11.79 -8.81 12.54
CA SER A 172 -12.31 -8.99 13.91
C SER A 172 -12.19 -10.44 14.32
N ASN A 173 -11.03 -10.80 14.68
CA ASN A 173 -10.45 -12.09 15.08
C ASN A 173 -8.94 -11.68 15.29
N ASN A 174 -8.81 -10.42 14.93
CA ASN A 174 -7.65 -9.58 15.05
C ASN A 174 -6.59 -10.02 14.01
N LYS A 175 -6.97 -11.03 13.26
CA LYS A 175 -6.06 -11.64 12.26
C LYS A 175 -6.10 -10.71 11.05
N TYR A 176 -5.75 -11.21 9.90
CA TYR A 176 -5.64 -10.24 8.73
C TYR A 176 -6.28 -10.78 7.50
N ALA A 177 -6.44 -9.95 6.46
CA ALA A 177 -6.95 -10.32 5.16
C ALA A 177 -6.80 -9.09 4.25
N ALA A 178 -6.64 -9.36 2.97
CA ALA A 178 -6.45 -8.36 1.91
C ALA A 178 -6.67 -9.07 0.58
N SER A 179 -6.71 -8.33 -0.52
CA SER A 179 -6.81 -8.95 -1.85
C SER A 179 -5.90 -8.33 -2.90
N SER A 180 -5.87 -8.99 -4.04
CA SER A 180 -5.20 -8.50 -5.26
C SER A 180 -6.25 -8.74 -6.39
N TYR A 181 -6.24 -7.73 -7.23
CA TYR A 181 -7.25 -7.58 -8.28
C TYR A 181 -6.57 -7.17 -9.60
N LEU A 182 -6.42 -8.25 -10.37
CA LEU A 182 -5.79 -8.06 -11.70
C LEU A 182 -6.76 -8.11 -12.84
N SER A 183 -6.88 -7.05 -13.66
CA SER A 183 -7.88 -7.22 -14.75
C SER A 183 -7.35 -7.10 -16.16
N LEU A 184 -7.72 -8.15 -16.89
CA LEU A 184 -7.46 -8.51 -18.25
C LEU A 184 -8.55 -8.15 -19.25
N THR A 185 -9.67 -8.80 -19.10
CA THR A 185 -10.87 -8.72 -19.89
C THR A 185 -11.13 -10.17 -20.38
N PRO A 186 -10.27 -10.42 -21.39
CA PRO A 186 -10.36 -11.77 -22.00
C PRO A 186 -9.06 -12.12 -22.67
N GLU A 187 -8.50 -11.11 -23.34
CA GLU A 187 -7.37 -11.13 -24.20
C GLU A 187 -6.09 -11.71 -23.66
N GLN A 188 -5.68 -11.24 -22.50
CA GLN A 188 -4.52 -11.88 -21.83
C GLN A 188 -5.03 -13.17 -21.19
N TRP A 189 -6.09 -13.15 -20.43
CA TRP A 189 -6.61 -14.33 -19.75
C TRP A 189 -6.55 -15.57 -20.62
N LYS A 190 -7.00 -15.48 -21.84
CA LYS A 190 -6.86 -16.58 -22.79
C LYS A 190 -5.63 -16.48 -23.69
N SER A 191 -5.09 -15.29 -23.86
CA SER A 191 -3.91 -15.10 -24.70
C SER A 191 -2.66 -15.57 -23.95
N HIS A 192 -2.83 -16.16 -22.78
CA HIS A 192 -1.62 -16.74 -22.12
C HIS A 192 -1.80 -18.22 -21.87
N ARG A 193 -0.87 -18.83 -21.15
CA ARG A 193 -0.91 -20.24 -20.80
C ARG A 193 -1.32 -20.53 -19.36
N SER A 194 -0.83 -19.74 -18.46
CA SER A 194 -1.19 -19.80 -17.05
C SER A 194 -0.82 -18.50 -16.37
N TYR A 195 -1.44 -18.35 -15.21
CA TYR A 195 -1.06 -17.07 -14.47
C TYR A 195 -0.59 -17.42 -13.08
N SER A 196 -0.50 -16.43 -12.21
CA SER A 196 -0.12 -16.67 -10.79
C SER A 196 -0.12 -15.42 -9.97
N CYS A 197 -0.31 -15.54 -8.70
CA CYS A 197 -0.25 -14.54 -7.66
C CYS A 197 0.63 -15.21 -6.56
N GLN A 198 1.42 -14.37 -5.95
CA GLN A 198 2.35 -14.94 -4.89
C GLN A 198 2.49 -13.95 -3.78
N VAL A 199 2.60 -14.50 -2.57
CA VAL A 199 2.59 -13.72 -1.35
C VAL A 199 3.76 -14.13 -0.45
N THR A 200 4.61 -13.14 -0.42
CA THR A 200 5.81 -13.23 0.50
C THR A 200 5.25 -12.87 1.84
N HIS A 201 5.83 -13.34 2.91
CA HIS A 201 5.37 -12.97 4.27
C HIS A 201 6.37 -13.21 5.35
N GLU A 202 6.83 -12.18 6.05
CA GLU A 202 7.77 -12.40 7.18
C GLU A 202 8.17 -13.87 7.15
N GLY A 203 9.24 -14.14 6.47
CA GLY A 203 9.80 -15.49 6.27
C GLY A 203 8.59 -16.41 6.12
N SER A 204 8.22 -16.54 4.89
CA SER A 204 6.88 -17.08 4.51
C SER A 204 6.89 -16.46 3.08
N THR A 205 6.15 -16.93 2.16
CA THR A 205 6.28 -16.50 0.76
C THR A 205 5.76 -17.67 -0.09
N VAL A 206 4.48 -17.88 0.09
CA VAL A 206 3.68 -18.87 -0.56
C VAL A 206 3.03 -18.30 -1.84
N GLU A 207 2.79 -19.21 -2.77
CA GLU A 207 2.42 -18.81 -4.12
C GLU A 207 1.39 -19.67 -4.76
N LYS A 208 0.50 -19.04 -5.53
CA LYS A 208 -0.40 -19.76 -6.41
C LYS A 208 0.17 -19.54 -7.83
N THR A 209 -0.03 -20.52 -8.61
CA THR A 209 0.25 -20.52 -10.07
C THR A 209 -1.17 -20.55 -10.61
N VAL A 210 -1.50 -21.08 -11.71
CA VAL A 210 -2.89 -21.27 -12.10
C VAL A 210 -2.93 -21.47 -13.62
N ALA A 211 -4.18 -21.57 -14.05
CA ALA A 211 -4.37 -21.90 -15.49
C ALA A 211 -5.49 -21.03 -16.03
N PRO A 212 -5.94 -21.48 -17.20
CA PRO A 212 -7.14 -20.90 -17.84
C PRO A 212 -8.27 -21.92 -17.85
N THR A 213 -8.56 -22.45 -19.00
CA THR A 213 -9.63 -23.36 -19.28
C THR A 213 -10.64 -22.80 -20.28
N GLU A 214 -11.69 -23.58 -20.47
CA GLU A 214 -12.83 -23.28 -21.34
C GLU A 214 -14.17 -23.09 -20.60
N CYS A 215 -14.43 -24.03 -19.72
CA CYS A 215 -15.53 -24.07 -18.75
C CYS A 215 -16.71 -24.73 -19.44
N SER A 216 -17.32 -25.55 -18.58
CA SER A 216 -18.56 -26.22 -19.00
C SER A 216 -19.41 -26.44 -17.76
N PCA B 1 13.87 19.64 21.30
CA PCA B 1 13.79 19.73 19.86
CB PCA B 1 13.31 18.34 19.32
CG PCA B 1 12.41 17.85 20.49
CD PCA B 1 12.89 18.55 21.74
OE PCA B 1 12.11 18.77 22.68
C PCA B 1 12.74 20.75 19.45
O PCA B 1 12.91 21.44 18.46
N SER B 2 11.67 20.75 20.25
CA SER B 2 10.50 21.60 19.94
C SER B 2 9.56 21.06 18.92
N ALA B 3 9.81 21.12 17.59
CA ALA B 3 8.90 20.60 16.60
C ALA B 3 8.95 21.00 15.13
N LEU B 4 8.06 21.85 14.64
CA LEU B 4 7.82 22.43 13.39
C LEU B 4 6.36 23.00 13.28
N THR B 5 6.01 23.49 12.07
CA THR B 5 4.65 24.03 11.87
C THR B 5 4.12 23.92 10.44
N GLN B 6 3.32 22.86 10.22
CA GLN B 6 2.54 22.73 8.97
C GLN B 6 1.15 22.15 9.28
N PRO B 7 0.17 22.75 8.56
CA PRO B 7 -1.25 22.45 8.85
C PRO B 7 -1.77 21.10 8.48
N PRO B 8 -2.65 20.59 9.34
CA PRO B 8 -3.28 19.30 9.21
C PRO B 8 -4.50 19.42 8.31
N SER B 9 -4.23 19.71 7.06
CA SER B 9 -5.17 19.73 5.98
C SER B 9 -4.89 20.95 5.10
N ALA B 10 -5.50 20.92 3.95
CA ALA B 10 -5.53 22.01 2.98
C ALA B 10 -6.48 21.53 1.86
N SER B 11 -7.62 22.19 1.81
CA SER B 11 -8.63 21.95 0.77
C SER B 11 -8.38 22.82 -0.47
N GLY B 12 -8.49 22.14 -1.57
CA GLY B 12 -8.32 22.71 -2.93
C GLY B 12 -9.52 22.13 -3.68
N SER B 13 -9.46 22.17 -4.97
CA SER B 13 -10.51 21.66 -5.82
C SER B 13 -9.96 21.23 -7.18
N LEU B 14 -10.36 20.08 -7.60
CA LEU B 14 -10.04 19.42 -8.83
C LEU B 14 -9.77 20.50 -9.89
N GLY B 15 -8.51 20.51 -10.22
CA GLY B 15 -7.91 21.51 -11.14
C GLY B 15 -8.13 22.81 -10.37
N GLN B 16 -7.28 23.09 -9.43
CA GLN B 16 -7.35 24.32 -8.68
C GLN B 16 -5.99 24.97 -8.45
N SER B 17 -5.68 25.09 -7.16
CA SER B 17 -4.32 25.49 -6.74
C SER B 17 -4.19 25.22 -5.23
N VAL B 18 -3.00 24.91 -4.82
CA VAL B 18 -2.56 24.48 -3.52
C VAL B 18 -1.53 25.41 -2.92
N THR B 19 -1.75 25.87 -1.70
CA THR B 19 -0.63 26.48 -0.96
C THR B 19 -0.34 25.48 0.18
N ILE B 20 0.89 25.26 0.50
CA ILE B 20 1.28 24.34 1.60
C ILE B 20 2.24 25.05 2.53
N SER B 21 1.92 25.04 3.82
CA SER B 21 2.56 25.76 4.85
C SER B 21 3.62 25.00 5.69
N CYS B 22 4.46 25.87 6.23
CA CYS B 22 5.57 25.45 7.08
C CYS B 22 6.22 26.69 7.72
N THR B 23 5.62 27.02 8.86
CA THR B 23 6.30 27.95 9.75
C THR B 23 7.38 26.98 10.38
N GLY B 24 8.46 27.66 10.70
CA GLY B 24 9.59 26.95 11.30
C GLY B 24 10.63 28.01 11.65
N THR B 25 11.75 27.49 12.16
CA THR B 25 12.76 28.28 12.78
C THR B 25 13.83 28.95 11.93
N SER B 26 14.53 29.77 12.68
CA SER B 26 15.60 30.64 12.19
C SER B 26 16.85 29.91 11.83
N SER B 27 16.93 28.62 12.10
CA SER B 27 18.13 27.83 11.67
C SER B 27 17.67 26.94 10.52
N ASP B 28 16.41 26.61 10.56
CA ASP B 28 15.76 25.89 9.45
C ASP B 28 15.17 26.95 8.50
N VAL B 29 13.94 26.71 8.12
CA VAL B 29 13.14 27.58 7.24
C VAL B 29 13.59 29.02 7.44
N GLY B 30 13.51 29.40 8.70
CA GLY B 30 13.88 30.71 9.13
C GLY B 30 15.32 31.08 8.95
N GLY B 31 16.22 30.25 8.42
CA GLY B 31 17.61 30.61 8.32
C GLY B 31 18.58 30.01 7.38
N TYR B 32 18.36 28.83 6.93
CA TYR B 32 19.17 28.00 6.04
C TYR B 32 18.33 27.78 4.79
N ASN B 33 18.86 27.07 3.83
CA ASN B 33 18.01 26.75 2.63
C ASN B 33 18.24 25.23 2.50
N TYR B 34 17.29 24.44 2.81
CA TYR B 34 17.49 23.00 2.77
C TYR B 34 16.16 22.35 3.00
N VAL B 35 15.15 22.86 2.23
CA VAL B 35 13.76 22.49 2.43
C VAL B 35 13.18 21.64 1.27
N SER B 36 12.18 20.91 1.80
CA SER B 36 11.57 19.83 1.04
C SER B 36 10.07 19.77 1.31
N TRP B 37 9.45 19.22 0.28
CA TRP B 37 7.98 18.93 0.43
C TRP B 37 7.97 17.47 0.05
N TYR B 38 7.33 16.65 0.83
CA TYR B 38 7.26 15.24 0.46
C TYR B 38 5.80 14.77 0.29
N GLN B 39 5.69 13.93 -0.75
CA GLN B 39 4.44 13.44 -1.17
C GLN B 39 4.18 11.96 -0.92
N GLN B 40 3.41 11.72 0.13
CA GLN B 40 3.12 10.25 0.35
C GLN B 40 1.93 10.16 -0.64
N HIS B 41 1.82 8.98 -1.18
CA HIS B 41 0.44 8.78 -1.78
C HIS B 41 -0.42 8.46 -0.57
N ALA B 42 0.23 8.27 0.57
CA ALA B 42 -0.41 7.84 1.81
C ALA B 42 0.22 6.51 2.29
N GLY B 43 0.19 5.58 1.38
CA GLY B 43 0.75 4.22 1.58
C GLY B 43 1.57 3.91 0.31
N LYS B 44 2.87 3.99 0.49
CA LYS B 44 3.92 3.73 -0.48
C LYS B 44 5.26 4.19 0.02
N ALA B 45 5.41 5.26 0.74
CA ALA B 45 6.71 5.76 1.18
C ALA B 45 6.98 7.15 0.63
N PRO B 46 7.20 8.06 1.53
CA PRO B 46 7.23 9.50 1.22
C PRO B 46 7.51 9.89 -0.20
N LYS B 47 8.77 10.24 -0.46
CA LYS B 47 9.14 10.63 -1.85
C LYS B 47 8.82 12.09 -2.02
N VAL B 48 9.91 12.83 -1.93
CA VAL B 48 9.94 14.28 -2.06
C VAL B 48 9.34 14.84 -3.34
N ILE B 49 8.56 15.86 -3.15
CA ILE B 49 7.93 16.80 -4.08
C ILE B 49 8.36 18.19 -3.64
N ILE B 50 9.25 18.75 -4.45
CA ILE B 50 10.05 19.94 -4.24
C ILE B 50 11.16 19.61 -3.21
N TYR B 51 12.31 20.09 -3.67
CA TYR B 51 13.59 20.06 -2.92
C TYR B 51 14.42 21.31 -3.20
N GLU B 52 15.41 21.56 -2.37
CA GLU B 52 16.33 22.68 -2.42
C GLU B 52 15.73 24.05 -2.68
N VAL B 53 14.44 24.15 -2.66
CA VAL B 53 13.51 25.23 -2.73
C VAL B 53 12.31 24.75 -3.60
N ASN B 54 12.33 25.36 -4.77
CA ASN B 54 11.48 24.79 -5.87
C ASN B 54 12.69 24.20 -6.67
N LYS B 55 12.90 22.95 -6.27
CA LYS B 55 13.89 22.02 -6.78
C LYS B 55 13.10 20.71 -7.03
N ARG B 56 12.62 20.66 -8.26
CA ARG B 56 11.76 19.64 -8.77
C ARG B 56 12.41 18.43 -9.39
N PRO B 57 12.53 17.39 -8.56
CA PRO B 57 13.13 16.16 -8.98
C PRO B 57 12.61 15.56 -10.27
N SER B 58 13.38 14.52 -10.61
CA SER B 58 13.08 13.76 -11.79
C SER B 58 11.54 13.63 -11.90
N GLY B 59 11.06 14.31 -12.95
CA GLY B 59 9.74 14.00 -13.52
C GLY B 59 8.62 14.21 -12.52
N VAL B 60 9.00 15.11 -11.64
CA VAL B 60 8.03 15.70 -10.68
C VAL B 60 7.49 16.86 -11.57
N PRO B 61 6.34 16.59 -12.11
CA PRO B 61 5.74 17.52 -13.09
C PRO B 61 5.46 18.81 -12.39
N ASP B 62 5.90 19.87 -13.02
CA ASP B 62 5.98 21.21 -12.49
C ASP B 62 5.00 21.78 -11.52
N ARG B 63 3.69 21.66 -11.64
CA ARG B 63 2.81 22.63 -10.94
C ARG B 63 2.99 22.69 -9.45
N PHE B 64 4.20 22.43 -9.00
CA PHE B 64 4.48 22.50 -7.52
C PHE B 64 5.50 23.60 -7.38
N SER B 65 5.64 24.08 -6.15
CA SER B 65 6.43 25.29 -5.96
C SER B 65 6.81 25.77 -4.59
N GLY B 66 8.12 25.80 -4.36
CA GLY B 66 8.71 26.37 -3.14
C GLY B 66 8.58 27.88 -3.14
N SER B 67 8.92 28.43 -1.98
CA SER B 67 8.94 29.88 -1.74
C SER B 67 8.58 30.05 -0.24
N LYS B 68 9.02 31.14 0.28
CA LYS B 68 8.89 31.47 1.71
C LYS B 68 9.46 32.87 1.91
N SER B 69 8.78 33.57 2.81
CA SER B 69 9.27 35.04 2.81
C SER B 69 10.35 35.09 3.86
N GLY B 70 10.50 33.94 4.58
CA GLY B 70 11.35 33.93 5.75
C GLY B 70 11.48 32.69 6.56
N ASN B 71 10.95 32.70 7.76
CA ASN B 71 10.96 31.74 8.85
C ASN B 71 9.93 30.64 8.52
N THR B 72 8.96 31.26 7.92
CA THR B 72 7.70 30.80 7.41
C THR B 72 7.86 30.69 5.88
N ALA B 73 7.45 29.49 5.47
CA ALA B 73 7.58 29.03 4.11
C ALA B 73 6.50 28.12 3.60
N SER B 74 6.20 28.36 2.33
CA SER B 74 5.19 27.67 1.58
C SER B 74 5.65 27.19 0.21
N LEU B 75 4.66 26.51 -0.35
CA LEU B 75 4.72 25.93 -1.68
C LEU B 75 3.34 25.76 -2.30
N THR B 76 3.22 26.19 -3.56
CA THR B 76 1.97 26.05 -4.27
C THR B 76 1.99 25.00 -5.40
N VAL B 77 0.76 24.54 -5.58
CA VAL B 77 0.37 23.60 -6.58
C VAL B 77 -0.77 24.17 -7.45
N SER B 78 -0.36 24.52 -8.68
CA SER B 78 -1.28 25.10 -9.66
C SER B 78 -2.01 23.98 -10.39
N GLY B 79 -3.30 23.96 -10.10
CA GLY B 79 -4.26 23.12 -10.80
C GLY B 79 -4.11 21.70 -10.33
N LEU B 80 -5.16 21.14 -9.78
CA LEU B 80 -5.07 19.79 -9.21
C LEU B 80 -5.49 18.68 -10.14
N GLN B 81 -5.36 17.48 -9.61
CA GLN B 81 -5.40 16.24 -10.39
C GLN B 81 -6.10 15.18 -9.54
N ALA B 82 -5.89 15.26 -8.26
CA ALA B 82 -6.53 14.34 -7.29
C ALA B 82 -5.45 13.38 -6.79
N GLU B 83 -4.51 13.13 -7.70
CA GLU B 83 -3.29 12.39 -7.35
C GLU B 83 -2.48 13.38 -6.49
N ASP B 84 -3.12 14.55 -6.46
CA ASP B 84 -2.71 15.73 -5.76
C ASP B 84 -3.10 15.73 -4.26
N GLU B 85 -4.26 15.14 -4.08
CA GLU B 85 -4.71 14.88 -2.68
C GLU B 85 -3.73 13.75 -2.34
N ALA B 86 -2.81 14.04 -1.46
CA ALA B 86 -2.00 12.88 -0.90
C ALA B 86 -1.52 13.35 0.45
N ASP B 87 -0.36 12.93 0.92
CA ASP B 87 -0.01 13.51 2.31
C ASP B 87 1.14 14.46 2.00
N TYR B 88 0.97 15.70 2.51
CA TYR B 88 2.08 16.64 2.17
C TYR B 88 2.83 17.11 3.38
N TYR B 89 4.15 16.79 3.40
CA TYR B 89 4.99 17.30 4.52
C TYR B 89 6.11 18.24 4.09
N CYS B 90 6.57 18.92 5.15
CA CYS B 90 7.60 19.96 4.95
C CYS B 90 8.74 19.87 5.96
N SER B 91 9.92 20.24 5.36
CA SER B 91 11.17 19.97 6.12
C SER B 91 12.33 20.88 5.80
N SER B 92 12.77 21.53 6.87
CA SER B 92 14.02 22.34 6.70
C SER B 92 15.19 21.63 7.45
N TYR B 93 16.25 21.44 6.63
CA TYR B 93 17.56 21.06 7.26
C TYR B 93 17.84 22.07 8.39
N GLU B 94 18.58 21.58 9.35
CA GLU B 94 19.04 22.21 10.53
C GLU B 94 20.53 22.56 10.55
N GLY B 95 21.09 22.48 11.73
CA GLY B 95 22.44 22.68 12.12
C GLY B 95 23.56 21.85 11.57
N SER B 96 23.39 20.57 11.39
CA SER B 96 24.44 19.75 10.74
C SER B 96 24.19 18.27 10.86
N ASP B 97 23.96 17.70 9.67
CA ASP B 97 23.59 16.27 9.65
C ASP B 97 22.28 16.10 10.39
N ASN B 98 21.34 17.00 10.15
CA ASN B 98 20.04 16.95 10.84
C ASN B 98 19.06 17.99 10.26
N PHE B 99 17.80 17.59 10.29
CA PHE B 99 16.72 18.44 9.74
C PHE B 99 15.35 18.11 10.34
N VAL B 100 14.34 18.87 9.91
CA VAL B 100 13.01 18.76 10.61
C VAL B 100 11.79 18.85 9.75
N PHE B 101 10.82 17.96 10.05
CA PHE B 101 9.59 17.79 9.29
C PHE B 101 8.34 18.29 10.02
N GLY B 102 7.24 18.17 9.28
CA GLY B 102 5.88 18.54 9.76
C GLY B 102 4.86 18.13 8.71
N THR B 103 3.59 18.05 9.11
CA THR B 103 2.57 17.45 8.22
C THR B 103 1.27 18.13 7.91
N GLY B 104 0.82 17.98 6.65
CA GLY B 104 -0.40 18.48 6.13
C GLY B 104 -0.86 18.39 4.72
N THR B 105 -1.22 19.52 4.18
CA THR B 105 -1.59 20.18 3.02
C THR B 105 -1.44 19.90 1.55
N LYS B 106 -2.55 19.71 0.87
CA LYS B 106 -2.56 19.29 -0.55
C LYS B 106 -3.11 17.86 -0.55
N VAL B 107 -4.01 17.70 0.46
CA VAL B 107 -4.70 16.48 0.81
C VAL B 107 -6.07 16.35 0.17
N THR B 108 -6.68 17.47 -0.20
CA THR B 108 -8.07 17.54 -0.55
C THR B 108 -8.47 18.10 -1.93
N VAL B 109 -8.59 17.22 -2.87
CA VAL B 109 -9.11 17.58 -4.19
C VAL B 109 -10.53 17.05 -4.28
N LEU B 110 -11.47 17.95 -4.16
CA LEU B 110 -12.90 17.60 -4.43
C LEU B 110 -12.97 18.04 -5.90
N GLY B 111 -14.07 17.95 -6.55
CA GLY B 111 -13.98 18.16 -8.06
C GLY B 111 -13.75 16.74 -8.60
N GLN B 112 -13.76 15.82 -7.65
CA GLN B 112 -13.59 14.40 -7.89
C GLN B 112 -15.02 13.90 -8.16
N PRO B 113 -15.15 13.24 -9.28
CA PRO B 113 -16.41 12.74 -9.75
C PRO B 113 -16.72 11.41 -9.10
N LYS B 114 -17.96 11.30 -8.68
CA LYS B 114 -18.50 10.23 -7.87
C LYS B 114 -18.93 9.02 -8.63
N ALA B 115 -18.38 7.87 -8.19
CA ALA B 115 -18.71 6.66 -8.89
C ALA B 115 -18.99 5.42 -8.08
N ASN B 116 -19.37 4.42 -8.89
CA ASN B 116 -20.02 3.21 -8.38
C ASN B 116 -19.06 2.04 -8.63
N PRO B 117 -19.00 1.22 -7.58
CA PRO B 117 -18.21 0.03 -7.58
C PRO B 117 -18.72 -1.08 -8.46
N THR B 118 -17.82 -1.57 -9.30
CA THR B 118 -18.24 -2.68 -10.14
C THR B 118 -18.02 -3.95 -9.31
N VAL B 119 -19.03 -4.18 -8.47
CA VAL B 119 -19.10 -5.46 -7.73
C VAL B 119 -18.56 -6.51 -8.70
N THR B 120 -18.11 -7.61 -8.20
CA THR B 120 -17.79 -8.79 -8.96
C THR B 120 -17.74 -9.89 -7.85
N LEU B 121 -18.74 -10.72 -7.95
CA LEU B 121 -18.92 -11.88 -7.10
C LEU B 121 -18.32 -13.13 -7.72
N PHE B 122 -17.46 -13.84 -6.97
CA PHE B 122 -17.00 -15.14 -7.47
C PHE B 122 -17.18 -16.21 -6.36
N PRO B 123 -17.37 -17.40 -6.85
CA PRO B 123 -17.33 -18.60 -5.99
C PRO B 123 -15.90 -19.11 -5.83
N PRO B 124 -15.75 -20.14 -5.00
CA PRO B 124 -14.46 -20.81 -4.80
C PRO B 124 -14.13 -21.68 -5.97
N SER B 125 -12.83 -21.85 -6.23
CA SER B 125 -12.26 -22.67 -7.28
C SER B 125 -12.04 -24.12 -6.89
N SER B 126 -11.59 -24.81 -7.91
CA SER B 126 -11.20 -26.21 -7.93
C SER B 126 -10.33 -26.59 -6.74
N GLU B 127 -9.07 -26.23 -6.80
CA GLU B 127 -8.12 -26.51 -5.73
C GLU B 127 -8.95 -26.71 -4.45
N GLU B 128 -9.35 -25.53 -3.99
CA GLU B 128 -10.17 -25.42 -2.78
C GLU B 128 -11.16 -26.55 -2.72
N LEU B 129 -11.85 -26.73 -3.82
CA LEU B 129 -12.81 -27.84 -3.94
C LEU B 129 -12.21 -29.23 -3.75
N GLN B 130 -11.14 -29.50 -4.45
CA GLN B 130 -10.42 -30.76 -4.48
C GLN B 130 -10.02 -31.00 -3.03
N ALA B 131 -9.61 -29.93 -2.47
CA ALA B 131 -9.09 -29.67 -1.16
C ALA B 131 -10.09 -29.66 0.03
N ASN B 132 -11.33 -29.77 -0.40
CA ASN B 132 -12.50 -29.69 0.46
C ASN B 132 -12.83 -28.41 1.11
N LYS B 133 -12.49 -27.21 0.61
CA LYS B 133 -12.93 -25.99 1.28
C LYS B 133 -13.26 -24.87 0.32
N ALA B 134 -14.12 -23.98 0.89
CA ALA B 134 -14.72 -22.89 0.10
C ALA B 134 -14.54 -21.52 0.68
N THR B 135 -14.31 -20.57 -0.21
CA THR B 135 -14.23 -19.15 0.15
C THR B 135 -14.73 -18.29 -1.00
N LEU B 136 -15.79 -17.55 -0.72
CA LEU B 136 -16.54 -16.83 -1.77
C LEU B 136 -16.23 -15.35 -1.66
N VAL B 137 -16.28 -14.72 -2.85
CA VAL B 137 -15.84 -13.31 -2.92
C VAL B 137 -16.84 -12.41 -3.64
N CYS B 138 -16.69 -11.14 -3.31
CA CYS B 138 -17.35 -9.97 -3.86
C CYS B 138 -16.22 -8.93 -3.88
N LEU B 139 -15.74 -8.60 -5.05
CA LEU B 139 -14.74 -7.58 -5.31
C LEU B 139 -15.53 -6.30 -5.63
N ILE B 140 -14.98 -5.18 -5.33
CA ILE B 140 -15.56 -3.88 -5.51
C ILE B 140 -14.62 -2.74 -5.88
N SER B 141 -14.38 -2.54 -7.14
CA SER B 141 -13.60 -1.41 -7.65
C SER B 141 -14.51 -0.32 -8.26
N ASP B 142 -13.89 0.61 -8.97
CA ASP B 142 -14.51 1.69 -9.70
C ASP B 142 -15.31 2.66 -8.85
N PHE B 143 -15.19 2.68 -7.54
CA PHE B 143 -15.87 3.69 -6.74
C PHE B 143 -14.87 4.71 -6.17
N TYR B 144 -15.34 5.96 -6.21
CA TYR B 144 -14.66 7.05 -5.57
C TYR B 144 -14.95 7.13 -4.05
N PRO B 145 -16.19 7.48 -3.76
CA PRO B 145 -16.77 7.26 -2.42
C PRO B 145 -16.39 5.85 -2.00
N GLY B 146 -15.56 5.74 -1.01
CA GLY B 146 -15.15 4.42 -0.41
C GLY B 146 -15.84 4.37 0.98
N ALA B 147 -16.89 3.60 1.00
CA ALA B 147 -17.90 3.69 2.12
C ALA B 147 -19.18 3.01 1.61
N VAL B 148 -19.02 1.70 1.66
CA VAL B 148 -19.87 0.70 1.04
C VAL B 148 -20.45 -0.31 2.01
N THR B 149 -21.74 -0.58 1.83
CA THR B 149 -22.30 -1.66 2.72
C THR B 149 -22.51 -2.86 1.86
N VAL B 150 -21.68 -3.89 2.03
CA VAL B 150 -21.82 -5.14 1.28
C VAL B 150 -22.51 -6.17 2.20
N ALA B 151 -23.30 -6.98 1.54
CA ALA B 151 -24.09 -8.03 2.08
C ALA B 151 -23.96 -9.44 1.50
N TRP B 152 -24.18 -10.36 2.47
CA TRP B 152 -24.16 -11.81 2.21
C TRP B 152 -25.59 -12.34 2.30
N LYS B 153 -26.00 -12.84 1.15
CA LYS B 153 -27.25 -13.39 0.76
C LYS B 153 -27.11 -14.86 0.38
N ALA B 154 -27.78 -15.65 1.18
CA ALA B 154 -27.79 -17.07 1.21
C ALA B 154 -29.06 -17.76 0.86
N ASP B 155 -29.24 -18.05 -0.39
CA ASP B 155 -30.48 -18.71 -0.87
C ASP B 155 -31.62 -17.68 -0.60
N GLY B 156 -31.14 -16.46 -0.50
CA GLY B 156 -32.01 -15.27 -0.37
C GLY B 156 -32.29 -15.09 1.11
N SER B 157 -31.16 -14.99 1.79
CA SER B 157 -31.14 -15.02 3.27
C SER B 157 -29.90 -14.40 3.87
N PRO B 158 -30.17 -13.44 4.74
CA PRO B 158 -29.11 -12.71 5.43
C PRO B 158 -28.16 -13.58 6.22
N VAL B 159 -27.01 -13.86 5.57
CA VAL B 159 -25.95 -14.70 6.18
C VAL B 159 -25.35 -13.97 7.36
N LYS B 160 -24.72 -14.63 8.32
CA LYS B 160 -24.34 -13.82 9.51
C LYS B 160 -23.22 -14.30 10.34
N ALA B 161 -22.03 -13.79 10.17
CA ALA B 161 -20.84 -14.09 10.96
C ALA B 161 -20.10 -15.36 10.53
N GLY B 162 -19.58 -15.21 9.32
CA GLY B 162 -18.72 -16.20 8.64
C GLY B 162 -18.26 -15.54 7.33
N VAL B 163 -18.31 -14.21 7.33
CA VAL B 163 -18.04 -13.38 6.16
C VAL B 163 -17.26 -12.11 6.29
N GLU B 164 -16.03 -12.04 5.86
CA GLU B 164 -15.14 -10.92 6.12
C GLU B 164 -15.01 -9.94 4.98
N THR B 165 -14.44 -8.78 5.26
CA THR B 165 -14.57 -7.62 4.36
C THR B 165 -14.01 -6.37 5.04
N THR B 166 -13.25 -5.61 4.22
CA THR B 166 -12.45 -4.58 4.96
C THR B 166 -12.17 -3.34 4.19
N LYS B 167 -11.79 -2.34 5.00
CA LYS B 167 -11.74 -0.95 4.49
C LYS B 167 -10.88 -0.99 3.23
N PRO B 168 -11.57 -0.67 2.15
CA PRO B 168 -10.94 -0.70 0.82
C PRO B 168 -10.03 0.50 0.89
N SER B 169 -9.37 0.75 -0.21
CA SER B 169 -8.68 2.04 -0.37
C SER B 169 -7.85 2.04 -1.65
N LYS B 170 -7.95 3.25 -2.19
CA LYS B 170 -7.35 3.75 -3.39
C LYS B 170 -6.49 2.76 -4.16
N GLN B 171 -6.86 2.75 -5.43
CA GLN B 171 -6.31 1.91 -6.49
C GLN B 171 -5.10 2.60 -7.02
N SER B 172 -4.99 3.05 -8.21
CA SER B 172 -3.79 3.75 -8.72
C SER B 172 -3.83 5.20 -8.29
N ASN B 173 -3.94 5.44 -7.01
CA ASN B 173 -4.17 6.72 -6.39
C ASN B 173 -5.70 6.96 -6.24
N ASN B 174 -6.33 7.21 -7.34
CA ASN B 174 -7.67 7.50 -7.70
C ASN B 174 -8.83 7.27 -6.77
N LYS B 175 -9.36 6.07 -6.73
CA LYS B 175 -10.49 5.63 -5.93
C LYS B 175 -10.29 4.19 -5.44
N TYR B 176 -11.21 3.69 -4.62
CA TYR B 176 -11.01 2.47 -3.85
C TYR B 176 -11.45 1.15 -4.37
N ALA B 177 -11.03 0.10 -3.66
CA ALA B 177 -11.36 -1.29 -3.86
C ALA B 177 -11.54 -2.07 -2.53
N ALA B 178 -12.58 -2.89 -2.64
CA ALA B 178 -13.07 -3.71 -1.55
C ALA B 178 -13.33 -5.12 -2.02
N SER B 179 -13.56 -5.99 -1.08
CA SER B 179 -13.88 -7.38 -1.37
C SER B 179 -14.30 -8.09 -0.07
N SER B 180 -15.52 -8.56 -0.13
CA SER B 180 -16.16 -9.35 0.91
C SER B 180 -15.84 -10.80 0.51
N TYR B 181 -15.78 -11.60 1.52
CA TYR B 181 -15.51 -13.04 1.38
C TYR B 181 -16.35 -13.69 2.49
N LEU B 182 -17.07 -14.67 2.01
CA LEU B 182 -17.93 -15.54 2.85
C LEU B 182 -17.06 -16.82 2.82
N SER B 183 -16.49 -17.05 3.96
CA SER B 183 -15.59 -18.22 4.14
C SER B 183 -16.51 -19.38 4.44
N LEU B 184 -16.51 -20.44 3.67
CA LEU B 184 -17.33 -21.57 4.14
C LEU B 184 -17.08 -22.97 3.63
N THR B 185 -17.98 -23.80 4.14
CA THR B 185 -18.28 -25.16 3.96
C THR B 185 -18.91 -25.36 2.59
N PRO B 186 -18.26 -26.15 1.79
CA PRO B 186 -18.85 -26.58 0.53
C PRO B 186 -20.07 -27.44 0.87
N GLU B 187 -19.90 -28.22 1.96
CA GLU B 187 -21.14 -28.85 2.50
C GLU B 187 -22.25 -27.82 2.22
N GLN B 188 -22.27 -26.75 3.00
CA GLN B 188 -23.36 -25.77 3.03
C GLN B 188 -23.54 -24.91 1.77
N TRP B 189 -22.46 -24.68 1.09
CA TRP B 189 -22.35 -24.04 -0.20
C TRP B 189 -22.85 -24.85 -1.38
N LYS B 190 -22.86 -26.14 -1.19
CA LYS B 190 -23.23 -27.12 -2.21
C LYS B 190 -24.67 -27.53 -1.88
N SER B 191 -25.00 -27.23 -0.64
CA SER B 191 -26.42 -27.25 -0.21
C SER B 191 -27.21 -26.16 -0.97
N HIS B 192 -26.85 -24.94 -0.63
CA HIS B 192 -27.63 -23.76 -0.98
C HIS B 192 -28.21 -23.21 -2.21
N ARG B 193 -27.60 -22.87 -3.29
CA ARG B 193 -28.15 -22.47 -4.55
C ARG B 193 -28.27 -21.02 -4.86
N SER B 194 -28.45 -20.17 -3.95
CA SER B 194 -28.57 -18.69 -4.30
C SER B 194 -27.31 -18.22 -3.64
N TYR B 195 -26.38 -17.63 -4.34
CA TYR B 195 -25.26 -17.09 -3.53
C TYR B 195 -24.89 -15.71 -4.04
N SER B 196 -25.43 -14.77 -3.22
CA SER B 196 -25.42 -13.35 -3.52
C SER B 196 -24.74 -12.44 -2.55
N CYS B 197 -23.87 -11.66 -3.17
CA CYS B 197 -23.21 -10.54 -2.50
C CYS B 197 -24.18 -9.36 -2.89
N GLN B 198 -23.93 -8.29 -2.20
CA GLN B 198 -24.63 -7.04 -2.61
C GLN B 198 -23.84 -5.87 -2.02
N VAL B 199 -23.83 -4.78 -2.73
CA VAL B 199 -23.25 -3.56 -2.20
C VAL B 199 -24.38 -2.51 -2.30
N THR B 200 -24.42 -1.69 -1.27
CA THR B 200 -25.24 -0.48 -1.24
C THR B 200 -24.27 0.71 -1.09
N HIS B 201 -24.22 1.46 -2.18
CA HIS B 201 -23.37 2.63 -2.32
C HIS B 201 -24.12 3.89 -2.76
N GLU B 202 -24.46 4.73 -1.79
CA GLU B 202 -25.04 6.03 -1.91
C GLU B 202 -26.50 6.10 -2.29
N GLY B 203 -27.23 5.10 -1.85
CA GLY B 203 -28.63 4.89 -2.39
C GLY B 203 -28.42 3.55 -3.14
N SER B 204 -28.36 3.65 -4.43
CA SER B 204 -27.95 2.55 -5.28
C SER B 204 -27.46 1.28 -4.60
N THR B 205 -27.98 0.18 -5.12
CA THR B 205 -27.73 -1.19 -4.72
C THR B 205 -27.47 -2.13 -5.89
N VAL B 206 -26.38 -2.88 -5.80
CA VAL B 206 -26.07 -3.90 -6.80
C VAL B 206 -25.81 -5.24 -6.10
N GLU B 207 -26.43 -6.26 -6.61
CA GLU B 207 -26.41 -7.59 -6.10
C GLU B 207 -25.91 -8.57 -7.13
N LYS B 208 -25.19 -9.55 -6.64
CA LYS B 208 -24.75 -10.65 -7.60
C LYS B 208 -24.98 -11.94 -6.86
N THR B 209 -25.12 -13.02 -7.60
CA THR B 209 -25.55 -14.29 -7.02
C THR B 209 -25.18 -15.44 -7.92
N VAL B 210 -24.82 -16.53 -7.30
CA VAL B 210 -24.33 -17.71 -7.99
C VAL B 210 -25.02 -18.98 -7.46
N ALA B 211 -25.26 -19.81 -8.42
CA ALA B 211 -25.92 -21.07 -8.39
C ALA B 211 -24.90 -22.14 -8.82
N PRO B 212 -25.11 -23.30 -8.20
CA PRO B 212 -24.25 -24.47 -8.50
C PRO B 212 -24.30 -24.83 -9.98
N THR B 213 -23.61 -23.99 -10.73
CA THR B 213 -23.39 -23.99 -12.17
C THR B 213 -21.92 -23.58 -12.45
N GLU B 214 -21.42 -24.00 -13.60
CA GLU B 214 -20.29 -23.24 -14.19
C GLU B 214 -19.30 -24.08 -14.98
N CYS B 215 -18.77 -25.02 -14.24
CA CYS B 215 -17.61 -25.86 -14.61
C CYS B 215 -16.86 -25.94 -13.26
N SER B 216 -15.58 -26.00 -13.30
CA SER B 216 -14.66 -25.98 -12.19
C SER B 216 -15.07 -26.42 -10.80
#